data_5YCA
#
_entry.id   5YCA
#
_cell.length_a   43.868
_cell.length_b   53.128
_cell.length_c   109.566
_cell.angle_alpha   90.000
_cell.angle_beta   90.000
_cell.angle_gamma   90.000
#
_symmetry.space_group_name_H-M   'P 21 21 21'
#
loop_
_entity.id
_entity.type
_entity.pdbx_description
1 polymer 'Ubiquitin-like protein SMT3,Bouquet formation protein 4'
2 polymer 'Lap-Emerin-Man domain protein 2'
3 water water
#
loop_
_entity_poly.entity_id
_entity_poly.type
_entity_poly.pdbx_seq_one_letter_code
_entity_poly.pdbx_strand_id
1 'polypeptide(L)'
;GPETHINLKVSDGSSEIFFKIKKTTPLRRLMEAFAKRQGKEMDSLRFLYDGIRIEADQTPEDLDMEDNDIIEAHRSLPAE
RNPLYKDDTLDHTPLIPKCRAQVIEFPDGPATFVRLKCTNPESKVPHFLMRMAKDSSISATSMFRSAFPKATQEEEDLEM
RWIRDNLNPIEDKRVAGLWVPPADALALAKDYSMTPFINALLEASST
;
A
2 'polypeptide(L)' GSAEEDDELFQNYVLQQTRK C
#
# COMPACT_ATOMS: atom_id res chain seq x y z
N GLY A 1 17.00 -12.11 28.17
CA GLY A 1 18.38 -12.40 28.54
C GLY A 1 18.82 -11.57 29.73
N PRO A 2 19.96 -11.95 30.33
CA PRO A 2 20.43 -11.28 31.55
C PRO A 2 21.21 -10.00 31.27
N GLU A 3 21.44 -9.67 30.01
CA GLU A 3 22.23 -8.48 29.70
C GLU A 3 21.49 -7.21 30.14
N THR A 4 22.27 -6.20 30.51
CA THR A 4 21.72 -4.90 30.91
C THR A 4 21.34 -4.06 29.70
N HIS A 5 22.06 -4.24 28.60
CA HIS A 5 21.83 -3.44 27.40
C HIS A 5 21.51 -4.36 26.23
N ILE A 6 20.93 -3.77 25.19
CA ILE A 6 20.40 -4.54 24.08
C ILE A 6 20.68 -3.81 22.78
N ASN A 7 21.11 -4.54 21.75
CA ASN A 7 21.14 -4.00 20.40
C ASN A 7 19.81 -4.27 19.71
N LEU A 8 19.22 -3.24 19.12
CA LEU A 8 17.96 -3.39 18.41
C LEU A 8 18.06 -2.81 17.02
N LYS A 9 17.47 -3.49 16.05
CA LYS A 9 17.49 -3.01 14.69
C LYS A 9 16.11 -2.49 14.34
N VAL A 10 16.03 -1.27 13.82
CA VAL A 10 14.77 -0.73 13.34
C VAL A 10 14.84 -0.64 11.83
N SER A 11 13.83 -1.20 11.16
CA SER A 11 13.78 -1.17 9.70
C SER A 11 12.46 -0.58 9.22
N ASP A 12 12.52 0.29 8.20
CA ASP A 12 11.29 0.80 7.59
C ASP A 12 11.08 0.22 6.20
N GLY A 13 11.84 -0.82 5.87
CA GLY A 13 11.77 -1.44 4.56
C GLY A 13 12.85 -0.90 3.64
N SER A 14 13.16 0.38 3.77
CA SER A 14 14.15 1.04 2.93
C SER A 14 15.49 1.15 3.64
N SER A 15 15.46 1.54 4.91
CA SER A 15 16.69 1.70 5.69
CA SER A 15 16.69 1.70 5.69
C SER A 15 16.62 0.91 6.99
N GLU A 16 17.79 0.50 7.47
CA GLU A 16 17.91 -0.19 8.75
C GLU A 16 18.88 0.60 9.61
N ILE A 17 18.53 0.81 10.88
CA ILE A 17 19.45 1.43 11.82
C ILE A 17 19.55 0.58 13.08
N PHE A 18 20.78 0.34 13.53
CA PHE A 18 21.00 -0.34 14.79
C PHE A 18 21.14 0.67 15.92
N PHE A 19 20.55 0.33 17.06
CA PHE A 19 20.57 1.16 18.27
C PHE A 19 20.98 0.32 19.46
N LYS A 20 21.83 0.86 20.32
CA LYS A 20 22.11 0.18 21.58
C LYS A 20 21.55 1.00 22.73
N ILE A 21 20.63 0.40 23.50
CA ILE A 21 20.02 1.07 24.64
C ILE A 21 19.99 0.16 25.85
N LYS A 22 19.88 0.77 27.02
CA LYS A 22 19.69 0.03 28.24
C LYS A 22 18.29 -0.55 28.19
N LYS A 23 18.12 -1.76 28.72
CA LYS A 23 16.80 -2.40 28.62
C LYS A 23 15.73 -1.73 29.46
N THR A 24 16.12 -0.82 30.35
CA THR A 24 15.17 -0.05 31.16
C THR A 24 14.77 1.29 30.52
N THR A 25 15.28 1.57 29.33
CA THR A 25 15.00 2.84 28.68
C THR A 25 13.69 2.71 27.89
N PRO A 26 12.78 3.68 28.04
CA PRO A 26 11.55 3.66 27.22
C PRO A 26 11.86 3.70 25.73
N LEU A 27 11.11 2.92 24.96
CA LEU A 27 11.35 2.82 23.54
C LEU A 27 11.04 4.12 22.77
N ARG A 28 10.35 5.05 23.42
CA ARG A 28 10.13 6.41 22.92
C ARG A 28 11.43 6.96 22.32
N ARG A 29 12.53 6.77 23.05
CA ARG A 29 13.86 7.25 22.63
C ARG A 29 14.28 6.72 21.27
N LEU A 30 14.16 5.41 21.12
CA LEU A 30 14.54 4.75 19.90
C LEU A 30 13.64 5.17 18.75
N MET A 31 12.32 5.26 19.00
CA MET A 31 11.41 5.60 17.94
C MET A 31 11.66 7.02 17.44
N GLU A 32 11.78 7.96 18.36
CA GLU A 32 12.06 9.34 17.99
C GLU A 32 13.40 9.47 17.28
N ALA A 33 14.41 8.72 17.73
CA ALA A 33 15.71 8.76 17.09
C ALA A 33 15.64 8.24 15.66
N PHE A 34 14.95 7.12 15.45
CA PHE A 34 14.82 6.61 14.09
C PHE A 34 14.17 7.66 13.18
N ALA A 35 13.07 8.23 13.64
CA ALA A 35 12.34 9.21 12.86
C ALA A 35 13.22 10.41 12.52
N LYS A 36 13.90 10.96 13.54
CA LYS A 36 14.81 12.10 13.36
C LYS A 36 15.92 11.82 12.36
N ARG A 37 16.55 10.65 12.50
CA ARG A 37 17.72 10.33 11.68
C ARG A 37 17.31 10.05 10.24
N GLN A 38 16.07 9.62 10.04
CA GLN A 38 15.56 9.32 8.70
C GLN A 38 14.87 10.52 8.06
N GLY A 39 14.75 11.61 8.80
CA GLY A 39 14.04 12.78 8.33
C GLY A 39 12.56 12.51 8.09
N LYS A 40 11.98 11.65 8.92
CA LYS A 40 10.55 11.37 8.83
C LYS A 40 9.80 11.91 10.06
N GLU A 41 8.52 12.22 9.86
CA GLU A 41 7.66 12.66 10.95
C GLU A 41 7.20 11.47 11.76
N MET A 42 7.22 11.60 13.09
CA MET A 42 6.74 10.53 13.96
C MET A 42 5.32 10.13 13.63
N ASP A 43 4.48 11.09 13.27
CA ASP A 43 3.08 10.81 12.97
C ASP A 43 2.89 9.97 11.70
N SER A 44 3.94 9.84 10.90
CA SER A 44 3.87 9.08 9.66
CA SER A 44 3.84 9.08 9.66
C SER A 44 4.37 7.66 9.84
N LEU A 45 4.70 7.30 11.08
CA LEU A 45 5.27 5.99 11.37
C LEU A 45 4.56 5.28 12.50
N ARG A 46 4.56 3.95 12.40
CA ARG A 46 4.04 3.08 13.45
C ARG A 46 5.10 2.04 13.70
N PHE A 47 5.45 1.82 14.96
CA PHE A 47 6.54 0.92 15.28
C PHE A 47 6.00 -0.35 15.89
N LEU A 48 6.39 -1.48 15.33
CA LEU A 48 5.84 -2.77 15.77
C LEU A 48 6.95 -3.70 16.21
N TYR A 49 6.66 -4.48 17.25
CA TYR A 49 7.54 -5.56 17.65
C TYR A 49 6.70 -6.83 17.67
N ASP A 50 7.14 -7.80 16.87
CA ASP A 50 6.46 -9.09 16.68
C ASP A 50 4.97 -8.86 16.42
N GLY A 51 4.69 -7.88 15.57
CA GLY A 51 3.34 -7.62 15.08
C GLY A 51 2.47 -6.79 15.99
N ILE A 52 3.02 -6.36 17.13
CA ILE A 52 2.28 -5.60 18.13
C ILE A 52 2.80 -4.16 18.18
N ARG A 53 1.91 -3.18 18.14
CA ARG A 53 2.38 -1.80 18.18
C ARG A 53 3.06 -1.52 19.50
N ILE A 54 4.23 -0.88 19.43
CA ILE A 54 4.96 -0.45 20.60
C ILE A 54 4.40 0.86 21.15
N GLU A 55 4.15 0.90 22.45
CA GLU A 55 3.78 2.13 23.14
C GLU A 55 5.04 2.84 23.66
N ALA A 56 5.03 4.16 23.64
CA ALA A 56 6.24 4.96 23.92
C ALA A 56 6.86 4.69 25.28
N ASP A 57 6.05 4.35 26.27
CA ASP A 57 6.56 4.15 27.62
C ASP A 57 7.08 2.72 27.87
N GLN A 58 6.87 1.82 26.92
CA GLN A 58 7.30 0.44 27.07
C GLN A 58 8.80 0.33 26.86
N THR A 59 9.44 -0.48 27.69
CA THR A 59 10.89 -0.70 27.61
C THR A 59 11.22 -2.05 27.00
N PRO A 60 12.48 -2.27 26.60
CA PRO A 60 12.81 -3.62 26.10
C PRO A 60 12.59 -4.67 27.16
N GLU A 61 12.78 -4.32 28.43
CA GLU A 61 12.47 -5.24 29.53
C GLU A 61 11.00 -5.61 29.58
N ASP A 62 10.14 -4.59 29.47
CA ASP A 62 8.68 -4.78 29.49
C ASP A 62 8.27 -5.78 28.44
N LEU A 63 8.90 -5.70 27.27
CA LEU A 63 8.48 -6.49 26.12
C LEU A 63 9.23 -7.80 26.02
N ASP A 64 10.19 -8.02 26.93
CA ASP A 64 11.05 -9.21 26.94
C ASP A 64 11.78 -9.37 25.61
N MET A 65 12.37 -8.27 25.13
CA MET A 65 13.15 -8.28 23.91
C MET A 65 14.50 -8.97 24.09
N GLU A 66 14.99 -9.51 22.98
CA GLU A 66 16.29 -10.17 22.94
C GLU A 66 17.28 -9.40 22.07
N ASP A 67 18.56 -9.61 22.33
CA ASP A 67 19.60 -8.94 21.55
C ASP A 67 19.41 -9.18 20.06
N ASN A 68 19.49 -8.10 19.30
CA ASN A 68 19.38 -8.10 17.84
C ASN A 68 17.97 -8.33 17.33
N ASP A 69 16.99 -8.20 18.22
CA ASP A 69 15.59 -8.21 17.78
C ASP A 69 15.33 -7.06 16.84
N ILE A 70 14.26 -7.19 16.05
CA ILE A 70 13.94 -6.23 15.03
C ILE A 70 12.63 -5.53 15.34
N ILE A 71 12.66 -4.20 15.21
CA ILE A 71 11.48 -3.37 15.29
C ILE A 71 11.12 -2.91 13.89
N GLU A 72 9.86 -3.12 13.49
CA GLU A 72 9.40 -2.72 12.17
C GLU A 72 8.75 -1.35 12.19
N ALA A 73 9.27 -0.44 11.37
CA ALA A 73 8.68 0.88 11.24
C ALA A 73 7.76 0.94 10.03
N HIS A 74 6.48 0.76 10.27
CA HIS A 74 5.47 0.77 9.20
C HIS A 74 4.97 2.17 8.94
N ARG A 75 4.68 2.50 7.69
CA ARG A 75 4.07 3.80 7.41
C ARG A 75 2.62 3.84 7.88
N SER A 76 2.15 5.04 8.21
CA SER A 76 0.74 5.25 8.50
C SER A 76 -0.09 5.06 7.23
N LEU A 77 -1.30 4.54 7.40
CA LEU A 77 -2.28 4.42 6.31
C LEU A 77 -3.61 4.88 6.88
N PRO A 78 -4.59 5.19 6.01
CA PRO A 78 -5.90 5.55 6.54
C PRO A 78 -6.45 4.50 7.49
N ALA A 79 -7.16 4.95 8.52
CA ALA A 79 -7.61 4.08 9.60
C ALA A 79 -8.66 3.05 9.21
N GLU A 80 -9.44 3.33 8.16
CA GLU A 80 -10.51 2.43 7.79
C GLU A 80 -10.33 1.88 6.38
N ARG A 81 -10.67 0.61 6.21
CA ARG A 81 -10.52 -0.03 4.93
C ARG A 81 -11.85 -0.55 4.39
N ASN A 82 -11.94 -0.58 3.06
CA ASN A 82 -13.08 -1.12 2.33
C ASN A 82 -13.36 -2.56 2.79
N PRO A 83 -14.57 -2.84 3.28
CA PRO A 83 -14.84 -4.20 3.77
C PRO A 83 -14.80 -5.26 2.67
N LEU A 84 -14.70 -4.85 1.42
CA LEU A 84 -14.46 -5.81 0.34
C LEU A 84 -13.18 -6.59 0.56
N TYR A 85 -12.23 -5.94 1.26
CA TYR A 85 -10.87 -6.44 1.40
C TYR A 85 -10.61 -6.97 2.80
N LYS A 86 -11.54 -7.75 3.34
CA LYS A 86 -11.33 -8.27 4.68
C LYS A 86 -10.73 -9.68 4.68
N ASP A 87 -10.30 -10.17 3.52
CA ASP A 87 -9.64 -11.47 3.43
C ASP A 87 -8.62 -11.55 2.28
N ASP A 88 -7.33 -11.42 2.62
CA ASP A 88 -6.25 -11.35 1.63
C ASP A 88 -5.86 -12.70 1.04
N THR A 89 -6.47 -13.77 1.53
CA THR A 89 -6.00 -15.13 1.25
C THR A 89 -6.87 -15.92 0.27
N LEU A 90 -8.02 -15.37 -0.09
CA LEU A 90 -8.95 -16.05 -0.97
C LEU A 90 -8.37 -16.28 -2.37
N ASP A 91 -8.59 -17.46 -2.93
CA ASP A 91 -8.15 -17.72 -4.30
C ASP A 91 -8.89 -16.80 -5.27
N HIS A 92 -8.18 -16.36 -6.29
CA HIS A 92 -8.65 -15.32 -7.18
C HIS A 92 -9.29 -15.81 -8.48
N THR A 93 -9.36 -17.12 -8.65
CA THR A 93 -9.92 -17.69 -9.88
C THR A 93 -11.29 -17.09 -10.25
N PRO A 94 -12.22 -16.96 -9.29
CA PRO A 94 -13.50 -16.40 -9.72
C PRO A 94 -13.49 -14.91 -10.09
N LEU A 95 -12.43 -14.19 -9.78
CA LEU A 95 -12.39 -12.76 -10.08
C LEU A 95 -11.89 -12.49 -11.49
N ILE A 96 -11.12 -13.42 -12.05
CA ILE A 96 -10.55 -13.18 -13.36
C ILE A 96 -11.61 -12.90 -14.44
N PRO A 97 -12.72 -13.69 -14.48
CA PRO A 97 -13.67 -13.41 -15.55
C PRO A 97 -14.50 -12.14 -15.31
N LYS A 98 -14.34 -11.51 -14.15
CA LYS A 98 -15.02 -10.25 -13.89
C LYS A 98 -14.25 -9.08 -14.49
N CYS A 99 -12.98 -9.29 -14.76
CA CYS A 99 -12.16 -8.28 -15.40
C CYS A 99 -12.60 -8.05 -16.84
N ARG A 100 -12.33 -6.86 -17.35
CA ARG A 100 -12.65 -6.52 -18.73
C ARG A 100 -11.50 -5.75 -19.36
N ALA A 101 -11.20 -6.07 -20.62
CA ALA A 101 -10.24 -5.32 -21.40
C ALA A 101 -10.97 -4.25 -22.20
N GLN A 102 -10.36 -3.07 -22.31
CA GLN A 102 -10.98 -1.97 -23.00
C GLN A 102 -9.95 -1.15 -23.74
N VAL A 103 -10.23 -0.84 -25.01
CA VAL A 103 -9.38 0.05 -25.78
C VAL A 103 -9.84 1.50 -25.63
N ILE A 104 -8.91 2.37 -25.25
CA ILE A 104 -9.19 3.79 -25.08
C ILE A 104 -8.36 4.61 -26.06
N GLU A 105 -9.02 5.52 -26.79
CA GLU A 105 -8.30 6.37 -27.74
C GLU A 105 -7.66 7.60 -27.07
N PHE A 106 -6.39 7.80 -27.38
CA PHE A 106 -5.66 8.99 -26.96
C PHE A 106 -5.18 9.69 -28.23
N PRO A 107 -4.57 10.89 -28.10
CA PRO A 107 -4.13 11.54 -29.35
C PRO A 107 -3.05 10.78 -30.16
N ASP A 108 -2.55 9.64 -29.70
CA ASP A 108 -1.38 9.05 -30.37
C ASP A 108 -1.10 7.53 -30.42
N GLY A 109 -2.08 6.61 -30.45
CA GLY A 109 -3.50 6.85 -30.39
C GLY A 109 -4.12 5.92 -29.36
N PRO A 110 -4.44 4.67 -29.76
CA PRO A 110 -5.13 3.77 -28.82
C PRO A 110 -4.21 3.12 -27.80
N ALA A 111 -4.76 2.85 -26.60
CA ALA A 111 -4.07 2.06 -25.59
C ALA A 111 -5.08 1.14 -24.91
N THR A 112 -4.65 -0.08 -24.61
CA THR A 112 -5.54 -1.07 -24.01
C THR A 112 -5.33 -1.14 -22.49
N PHE A 113 -6.45 -1.13 -21.78
CA PHE A 113 -6.45 -1.30 -20.33
C PHE A 113 -7.21 -2.55 -19.94
N VAL A 114 -6.88 -3.08 -18.77
CA VAL A 114 -7.73 -4.09 -18.15
C VAL A 114 -8.26 -3.49 -16.86
N ARG A 115 -9.54 -3.67 -16.58
CA ARG A 115 -10.08 -3.10 -15.37
C ARG A 115 -10.93 -4.08 -14.60
N LEU A 116 -11.06 -3.83 -13.30
CA LEU A 116 -11.88 -4.66 -12.43
C LEU A 116 -12.69 -3.74 -11.54
N LYS A 117 -14.01 -3.82 -11.67
CA LYS A 117 -14.88 -3.00 -10.84
C LYS A 117 -15.03 -3.63 -9.45
N CYS A 118 -14.75 -2.83 -8.43
CA CYS A 118 -14.79 -3.29 -7.04
C CYS A 118 -15.78 -2.47 -6.27
N THR A 119 -16.81 -3.11 -5.73
CA THR A 119 -17.87 -2.42 -5.02
C THR A 119 -17.76 -2.64 -3.51
N ASN A 120 -17.74 -1.54 -2.78
CA ASN A 120 -17.81 -1.60 -1.32
C ASN A 120 -19.14 -2.23 -0.91
N PRO A 121 -19.09 -3.37 -0.22
CA PRO A 121 -20.35 -4.07 0.07
C PRO A 121 -21.24 -3.35 1.07
N GLU A 122 -20.71 -2.35 1.79
CA GLU A 122 -21.53 -1.64 2.76
C GLU A 122 -22.08 -0.33 2.20
N SER A 123 -21.22 0.50 1.63
CA SER A 123 -21.68 1.79 1.09
C SER A 123 -22.20 1.66 -0.35
N LYS A 124 -21.86 0.55 -0.99
CA LYS A 124 -22.14 0.27 -2.41
C LYS A 124 -21.40 1.17 -3.38
N VAL A 125 -20.50 2.01 -2.88
CA VAL A 125 -19.69 2.84 -3.77
C VAL A 125 -18.67 1.98 -4.52
N PRO A 126 -18.64 2.10 -5.85
CA PRO A 126 -17.65 1.36 -6.64
C PRO A 126 -16.40 2.18 -6.98
N HIS A 127 -15.29 1.47 -7.16
CA HIS A 127 -14.09 2.00 -7.78
C HIS A 127 -13.54 0.99 -8.80
N PHE A 128 -12.86 1.46 -9.84
CA PHE A 128 -12.18 0.56 -10.77
C PHE A 128 -10.71 0.40 -10.40
N LEU A 129 -10.22 -0.84 -10.42
CA LEU A 129 -8.79 -1.10 -10.39
C LEU A 129 -8.32 -1.14 -11.84
N MET A 130 -7.15 -0.54 -12.12
CA MET A 130 -6.75 -0.31 -13.50
C MET A 130 -5.37 -0.87 -13.82
N ARG A 131 -5.26 -1.53 -14.97
CA ARG A 131 -4.02 -2.10 -15.46
C ARG A 131 -3.80 -1.64 -16.90
N MET A 132 -2.58 -1.24 -17.22
CA MET A 132 -2.21 -0.98 -18.62
C MET A 132 -1.72 -2.27 -19.26
N ALA A 133 -2.33 -2.65 -20.37
CA ALA A 133 -1.99 -3.92 -21.00
C ALA A 133 -0.55 -3.98 -21.51
N LYS A 134 -0.03 -2.86 -22.00
CA LYS A 134 1.26 -2.89 -22.69
C LYS A 134 2.42 -3.37 -21.82
N ASP A 135 2.51 -2.86 -20.59
CA ASP A 135 3.59 -3.27 -19.69
C ASP A 135 3.07 -3.90 -18.39
N SER A 136 1.76 -4.11 -18.33
CA SER A 136 1.10 -4.62 -17.13
C SER A 136 1.26 -3.72 -15.90
N SER A 137 1.52 -2.44 -16.11
CA SER A 137 1.54 -1.47 -15.00
C SER A 137 0.18 -1.37 -14.35
N ILE A 138 0.18 -1.19 -13.02
CA ILE A 138 -1.06 -1.07 -12.25
C ILE A 138 -1.16 0.32 -11.65
N SER A 139 -2.34 0.92 -11.70
CA SER A 139 -2.50 2.22 -11.05
C SER A 139 -2.55 2.07 -9.53
N ALA A 140 -1.48 2.50 -8.87
CA ALA A 140 -1.45 2.48 -7.42
C ALA A 140 -2.47 3.46 -6.86
N THR A 141 -2.69 4.56 -7.58
CA THR A 141 -3.73 5.51 -7.20
C THR A 141 -5.10 4.81 -7.17
N SER A 142 -5.41 4.02 -8.21
CA SER A 142 -6.69 3.30 -8.24
C SER A 142 -6.80 2.31 -7.08
N MET A 143 -5.70 1.65 -6.73
CA MET A 143 -5.72 0.71 -5.60
C MET A 143 -6.02 1.44 -4.30
N PHE A 144 -5.31 2.54 -4.06
CA PHE A 144 -5.46 3.28 -2.82
C PHE A 144 -6.86 3.86 -2.65
N ARG A 145 -7.42 4.40 -3.73
CA ARG A 145 -8.76 4.96 -3.65
C ARG A 145 -9.82 3.87 -3.39
N SER A 146 -9.61 2.68 -3.95
CA SER A 146 -10.52 1.58 -3.66
C SER A 146 -10.36 1.05 -2.23
N ALA A 147 -9.13 1.01 -1.73
CA ALA A 147 -8.83 0.44 -0.42
C ALA A 147 -9.34 1.26 0.76
N PHE A 148 -9.28 2.60 0.66
CA PHE A 148 -9.51 3.44 1.84
C PHE A 148 -10.62 4.46 1.60
N PRO A 149 -11.86 4.09 1.97
CA PRO A 149 -13.03 4.91 1.61
C PRO A 149 -12.98 6.34 2.12
N LYS A 150 -12.44 6.53 3.31
CA LYS A 150 -12.46 7.85 3.94
C LYS A 150 -11.12 8.56 3.87
N ALA A 151 -10.23 8.10 2.99
CA ALA A 151 -8.92 8.72 2.89
C ALA A 151 -9.03 10.21 2.64
N THR A 152 -8.20 10.97 3.34
CA THR A 152 -8.09 12.39 3.04
C THR A 152 -7.08 12.63 1.91
N GLN A 153 -7.15 13.81 1.30
CA GLN A 153 -6.19 14.15 0.26
C GLN A 153 -4.78 14.14 0.82
N GLU A 154 -4.63 14.56 2.08
CA GLU A 154 -3.31 14.55 2.71
C GLU A 154 -2.79 13.13 2.82
N GLU A 155 -3.65 12.20 3.21
CA GLU A 155 -3.24 10.80 3.31
C GLU A 155 -2.89 10.24 1.95
N GLU A 156 -3.66 10.61 0.92
CA GLU A 156 -3.34 10.12 -0.41
C GLU A 156 -1.99 10.67 -0.86
N ASP A 157 -1.76 11.96 -0.63
CA ASP A 157 -0.51 12.59 -0.99
C ASP A 157 0.69 11.94 -0.30
N LEU A 158 0.53 11.66 1.00
CA LEU A 158 1.58 10.99 1.76
C LEU A 158 1.92 9.62 1.18
N GLU A 159 0.88 8.87 0.83
CA GLU A 159 1.08 7.54 0.29
C GLU A 159 1.74 7.57 -1.08
N MET A 160 1.32 8.50 -1.93
CA MET A 160 1.92 8.58 -3.27
C MET A 160 3.38 8.99 -3.16
N ARG A 161 3.69 9.82 -2.17
CA ARG A 161 5.09 10.18 -1.92
C ARG A 161 5.87 8.96 -1.48
N TRP A 162 5.28 8.17 -0.60
CA TRP A 162 5.95 6.96 -0.13
C TRP A 162 6.22 5.99 -1.28
N ILE A 163 5.24 5.83 -2.17
CA ILE A 163 5.41 4.98 -3.33
C ILE A 163 6.55 5.45 -4.22
N ARG A 164 6.62 6.75 -4.47
CA ARG A 164 7.72 7.30 -5.26
C ARG A 164 9.06 7.04 -4.60
N ASP A 165 9.11 7.15 -3.28
CA ASP A 165 10.37 7.01 -2.55
C ASP A 165 10.82 5.57 -2.30
N ASN A 166 9.90 4.61 -2.40
CA ASN A 166 10.17 3.24 -1.97
C ASN A 166 9.95 2.19 -3.04
N LEU A 167 9.15 2.53 -4.04
CA LEU A 167 8.86 1.58 -5.09
C LEU A 167 9.32 2.17 -6.40
N ASN A 168 8.84 1.66 -7.51
CA ASN A 168 9.36 2.06 -8.81
C ASN A 168 8.30 2.44 -9.79
N PRO A 169 7.61 3.50 -9.51
CA PRO A 169 6.51 3.97 -10.33
C PRO A 169 6.97 4.49 -11.66
N ILE A 170 6.05 4.46 -12.61
CA ILE A 170 6.09 5.41 -13.70
C ILE A 170 4.97 6.46 -13.81
N GLU A 171 5.34 7.49 -14.54
CA GLU A 171 4.42 8.43 -15.12
C GLU A 171 4.21 8.18 -16.61
N ASP A 172 2.96 8.16 -16.96
CA ASP A 172 2.58 8.18 -18.31
C ASP A 172 2.04 9.55 -18.52
N LYS A 173 2.52 10.20 -19.55
CA LYS A 173 1.93 11.44 -19.98
C LYS A 173 0.43 11.36 -20.18
N ARG A 174 -0.02 10.26 -20.72
CA ARG A 174 -1.42 10.13 -21.13
C ARG A 174 -2.39 9.93 -19.98
N VAL A 175 -2.00 9.22 -18.93
CA VAL A 175 -2.95 8.87 -17.88
C VAL A 175 -2.44 9.27 -16.51
N ALA A 176 -3.28 9.99 -15.78
CA ALA A 176 -2.90 10.48 -14.45
C ALA A 176 -2.70 9.35 -13.43
N GLY A 177 -2.11 9.71 -12.31
CA GLY A 177 -1.89 8.74 -11.24
C GLY A 177 -0.51 8.10 -11.27
N LEU A 178 -0.26 7.28 -10.27
CA LEU A 178 1.01 6.59 -10.12
C LEU A 178 0.86 5.15 -10.58
N TRP A 179 1.64 4.75 -11.58
CA TRP A 179 1.53 3.41 -12.15
C TRP A 179 2.78 2.61 -11.82
N VAL A 180 2.59 1.39 -11.32
CA VAL A 180 3.70 0.60 -10.81
C VAL A 180 3.76 -0.78 -11.46
N PRO A 181 4.96 -1.37 -11.55
CA PRO A 181 5.03 -2.71 -12.17
C PRO A 181 4.39 -3.78 -11.29
N PRO A 182 4.06 -4.94 -11.87
CA PRO A 182 3.42 -6.04 -11.12
C PRO A 182 4.01 -6.33 -9.75
N ALA A 183 5.32 -6.47 -9.60
CA ALA A 183 5.88 -6.79 -8.29
C ALA A 183 5.54 -5.73 -7.25
N ASP A 184 5.62 -4.46 -7.66
CA ASP A 184 5.29 -3.35 -6.77
C ASP A 184 3.80 -3.33 -6.45
N ALA A 185 2.97 -3.61 -7.46
CA ALA A 185 1.53 -3.68 -7.24
C ALA A 185 1.18 -4.75 -6.23
N LEU A 186 1.90 -5.88 -6.26
CA LEU A 186 1.59 -6.96 -5.33
C LEU A 186 2.09 -6.65 -3.93
N ALA A 187 3.21 -5.92 -3.83
CA ALA A 187 3.66 -5.45 -2.52
C ALA A 187 2.60 -4.52 -1.89
N LEU A 188 2.13 -3.57 -2.67
CA LEU A 188 1.06 -2.69 -2.19
C LEU A 188 -0.21 -3.46 -1.87
N ALA A 189 -0.53 -4.46 -2.69
CA ALA A 189 -1.72 -5.26 -2.45
C ALA A 189 -1.69 -5.94 -1.09
N LYS A 190 -0.52 -6.42 -0.69
CA LYS A 190 -0.40 -6.98 0.66
C LYS A 190 -0.66 -5.93 1.72
N ASP A 191 -0.09 -4.73 1.54
CA ASP A 191 -0.30 -3.62 2.46
C ASP A 191 -1.77 -3.23 2.56
N TYR A 192 -2.49 -3.30 1.46
CA TYR A 192 -3.89 -2.89 1.42
C TYR A 192 -4.89 -4.03 1.54
N SER A 193 -4.37 -5.25 1.74
CA SER A 193 -5.20 -6.47 1.80
CA SER A 193 -5.20 -6.47 1.79
C SER A 193 -6.03 -6.69 0.53
N MET A 194 -5.44 -6.43 -0.63
CA MET A 194 -6.10 -6.55 -1.92
C MET A 194 -5.52 -7.63 -2.82
N THR A 195 -4.69 -8.51 -2.25
CA THR A 195 -3.98 -9.49 -3.05
C THR A 195 -4.83 -10.29 -4.07
N PRO A 196 -5.98 -10.86 -3.65
CA PRO A 196 -6.71 -11.65 -4.65
C PRO A 196 -7.16 -10.82 -5.85
N PHE A 197 -7.49 -9.56 -5.59
CA PHE A 197 -8.00 -8.68 -6.64
C PHE A 197 -6.91 -8.25 -7.61
N ILE A 198 -5.73 -7.97 -7.08
CA ILE A 198 -4.60 -7.60 -7.93
C ILE A 198 -4.05 -8.83 -8.65
N ASN A 199 -4.04 -9.99 -7.98
CA ASN A 199 -3.71 -11.22 -8.68
C ASN A 199 -4.62 -11.42 -9.89
N ALA A 200 -5.93 -11.27 -9.70
CA ALA A 200 -6.89 -11.46 -10.79
C ALA A 200 -6.64 -10.46 -11.92
N LEU A 201 -6.47 -9.19 -11.55
CA LEU A 201 -6.25 -8.15 -12.53
C LEU A 201 -4.99 -8.39 -13.37
N LEU A 202 -3.94 -8.88 -12.71
CA LEU A 202 -2.68 -9.16 -13.40
C LEU A 202 -2.75 -10.37 -14.32
N GLU A 203 -3.60 -11.34 -14.01
CA GLU A 203 -3.67 -12.56 -14.82
C GLU A 203 -4.69 -12.47 -15.95
N ALA A 204 -5.62 -11.52 -15.85
CA ALA A 204 -6.73 -11.44 -16.80
C ALA A 204 -6.28 -11.18 -18.24
N SER A 205 -7.05 -11.70 -19.19
CA SER A 205 -6.77 -11.47 -20.59
C SER A 205 -6.80 -10.00 -20.92
N SER A 206 -5.95 -9.57 -21.83
CA SER A 206 -5.97 -8.18 -22.26
C SER A 206 -6.52 -8.06 -23.68
N GLY B 1 -26.07 -2.77 -21.74
CA GLY B 1 -26.61 -2.65 -20.40
C GLY B 1 -25.60 -2.07 -19.43
N SER B 2 -25.40 -2.75 -18.31
CA SER B 2 -24.43 -2.32 -17.31
C SER B 2 -23.02 -2.36 -17.85
N ALA B 3 -22.76 -3.29 -18.76
CA ALA B 3 -21.46 -3.42 -19.39
C ALA B 3 -21.07 -2.16 -20.15
N GLU B 4 -22.02 -1.63 -20.92
CA GLU B 4 -21.76 -0.41 -21.68
C GLU B 4 -21.54 0.78 -20.76
N GLU B 5 -22.31 0.86 -19.67
CA GLU B 5 -22.16 1.96 -18.74
C GLU B 5 -20.81 1.86 -18.04
N ASP B 6 -20.44 0.65 -17.64
CA ASP B 6 -19.12 0.37 -17.07
C ASP B 6 -18.01 0.79 -18.02
N ASP B 7 -18.16 0.44 -19.30
CA ASP B 7 -17.20 0.85 -20.33
C ASP B 7 -17.10 2.38 -20.39
N GLU B 8 -18.24 3.06 -20.44
CA GLU B 8 -18.28 4.52 -20.49
C GLU B 8 -17.75 5.14 -19.21
N LEU B 9 -18.22 4.63 -18.08
CA LEU B 9 -17.70 5.01 -16.77
C LEU B 9 -16.18 4.91 -16.72
N PHE B 10 -15.64 3.76 -17.06
CA PHE B 10 -14.21 3.56 -16.99
C PHE B 10 -13.42 4.53 -17.88
N GLN B 11 -13.88 4.72 -19.11
CA GLN B 11 -13.21 5.67 -20.00
C GLN B 11 -13.17 7.06 -19.38
N ASN B 12 -14.28 7.45 -18.76
CA ASN B 12 -14.36 8.74 -18.07
C ASN B 12 -13.32 8.87 -16.95
N TYR B 13 -13.20 7.85 -16.11
CA TYR B 13 -12.27 7.92 -14.97
C TYR B 13 -10.81 7.83 -15.39
N VAL B 14 -10.53 7.07 -16.46
CA VAL B 14 -9.18 6.97 -16.98
C VAL B 14 -8.67 8.30 -17.47
N LEU B 15 -9.54 9.03 -18.16
CA LEU B 15 -9.17 10.29 -18.78
C LEU B 15 -9.33 11.47 -17.83
N GLN B 16 -9.62 11.19 -16.57
CA GLN B 16 -9.48 12.21 -15.52
C GLN B 16 -8.00 12.60 -15.44
N GLN B 17 -7.58 13.50 -16.33
CA GLN B 17 -6.16 13.83 -16.49
C GLN B 17 -5.74 15.07 -15.70
#